data_3M4R
#
_entry.id   3M4R
#
_cell.length_a   46.136
_cell.length_b   46.136
_cell.length_c   203.998
_cell.angle_alpha   90.000
_cell.angle_beta   90.000
_cell.angle_gamma   120.000
#
_symmetry.space_group_name_H-M   'P 32 2 1'
#
loop_
_entity.id
_entity.type
_entity.pdbx_description
1 polymer 'Uncharacterized protein'
2 non-polymer 'ZINC ION'
3 non-polymer 'CHLORIDE ION'
4 water water
#
_entity_poly.entity_id   1
_entity_poly.type   'polypeptide(L)'
_entity_poly.pdbx_seq_one_letter_code
;SNA(MSE)QNRWAETKFDSDIDEVVYGSRLIGSDPDLVLHGGGNTSVKTTERDHAGRIISVLRVKNSGSNLGTIDSRGFT
GIR(MSE)DDALAAAKIDK(MSE)TDEA(MSE)VDYLKKS(MSE)VNPSEPSPSVETFLHAFLPYKFV(MSE)HSHADAI
LSITNTDLPSDQIAKILGNVVVLPYIPPGFTLAKEV(MSE)NCFKKGIDGIVLRKHGLLTFGDTGKEAYDRHINIVSRAE
NFIREKTDGK
;
_entity_poly.pdbx_strand_id   A
#
# COMPACT_ATOMS: atom_id res chain seq x y z
N ALA A 3 15.65 -9.86 -15.45
CA ALA A 3 15.00 -10.54 -14.29
C ALA A 3 14.88 -9.56 -13.13
N GLN A 5 15.05 -7.68 -9.79
CA GLN A 5 16.03 -7.80 -8.71
CA GLN A 5 16.03 -7.82 -8.71
C GLN A 5 15.48 -7.21 -7.41
N ASN A 6 15.99 -7.71 -6.28
CA ASN A 6 15.65 -7.24 -4.93
C ASN A 6 16.74 -6.31 -4.37
N ARG A 7 16.44 -5.01 -4.31
CA ARG A 7 17.46 -4.00 -4.07
C ARG A 7 17.55 -3.47 -2.62
N TRP A 8 17.00 -4.19 -1.63
CA TRP A 8 16.92 -3.66 -0.25
C TRP A 8 18.28 -3.80 0.42
N ALA A 9 18.91 -2.68 0.76
CA ALA A 9 20.29 -2.68 1.28
C ALA A 9 20.42 -2.27 2.76
N GLU A 10 19.62 -1.33 3.22
CA GLU A 10 19.76 -0.84 4.59
C GLU A 10 19.36 -1.83 5.68
N THR A 11 19.72 -1.52 6.90
CA THR A 11 19.16 -2.23 8.05
C THR A 11 18.73 -1.25 9.13
N LYS A 12 19.44 -0.14 9.29
CA LYS A 12 19.13 0.87 10.31
C LYS A 12 18.44 2.12 9.74
N PHE A 13 17.33 2.53 10.35
CA PHE A 13 16.66 3.77 10.00
C PHE A 13 16.44 4.56 11.27
N ASP A 14 16.46 5.90 11.19
CA ASP A 14 16.26 6.77 12.37
C ASP A 14 14.82 6.78 12.84
N SER A 15 13.88 6.44 11.95
CA SER A 15 12.46 6.60 12.22
C SER A 15 11.62 5.75 11.27
N ASP A 16 10.37 5.52 11.65
CA ASP A 16 9.42 4.84 10.81
C ASP A 16 9.25 5.53 9.46
N ILE A 17 9.17 6.85 9.46
CA ILE A 17 9.04 7.56 8.19
C ILE A 17 10.28 7.37 7.28
N ASP A 18 11.46 7.43 7.84
CA ASP A 18 12.68 7.16 7.05
C ASP A 18 12.60 5.78 6.41
N GLU A 19 12.12 4.79 7.16
CA GLU A 19 12.00 3.43 6.63
C GLU A 19 11.00 3.32 5.45
N VAL A 20 9.81 3.88 5.60
CA VAL A 20 8.80 3.87 4.54
C VAL A 20 9.26 4.65 3.32
N VAL A 21 10.01 5.76 3.53
CA VAL A 21 10.53 6.57 2.40
C VAL A 21 11.51 5.69 1.61
N TYR A 22 12.37 5.00 2.32
CA TYR A 22 13.34 4.12 1.70
C TYR A 22 12.69 3.06 0.83
N GLY A 23 11.68 2.39 1.37
CA GLY A 23 10.95 1.38 0.63
C GLY A 23 10.27 1.95 -0.61
N SER A 24 9.69 3.14 -0.44
CA SER A 24 8.96 3.80 -1.50
C SER A 24 9.89 4.10 -2.65
N ARG A 25 11.05 4.63 -2.32
CA ARG A 25 12.05 4.94 -3.34
C ARG A 25 12.44 3.70 -4.15
N LEU A 26 12.68 2.58 -3.49
CA LEU A 26 13.04 1.32 -4.18
C LEU A 26 11.95 0.87 -5.15
N ILE A 27 10.69 0.90 -4.72
CA ILE A 27 9.58 0.52 -5.55
C ILE A 27 9.43 1.46 -6.75
N GLY A 28 9.49 2.77 -6.50
CA GLY A 28 9.33 3.78 -7.57
C GLY A 28 10.55 3.83 -8.50
N SER A 29 11.63 3.17 -8.11
CA SER A 29 12.80 3.13 -8.97
CA SER A 29 12.85 3.07 -8.93
C SER A 29 12.68 2.06 -10.08
N ASP A 30 11.73 1.14 -9.92
CA ASP A 30 11.54 0.05 -10.91
C ASP A 30 10.37 0.38 -11.84
N PRO A 31 10.67 0.61 -13.15
CA PRO A 31 9.55 0.94 -14.08
C PRO A 31 8.57 -0.24 -14.32
N ASP A 32 8.99 -1.45 -13.94
CA ASP A 32 8.08 -2.61 -13.95
C ASP A 32 7.19 -2.71 -12.71
N LEU A 33 7.42 -1.87 -11.70
CA LEU A 33 6.51 -1.76 -10.54
C LEU A 33 5.64 -0.52 -10.63
N VAL A 34 6.23 0.63 -10.97
CA VAL A 34 5.49 1.90 -11.06
C VAL A 34 5.73 2.56 -12.42
N LEU A 35 4.93 2.17 -13.42
CA LEU A 35 4.82 2.92 -14.68
C LEU A 35 3.59 3.84 -14.54
N GLY A 37 3.11 6.40 -12.61
CA GLY A 37 2.74 7.48 -11.68
C GLY A 37 2.00 7.04 -10.41
N GLY A 38 1.51 5.79 -10.37
CA GLY A 38 0.65 5.34 -9.26
C GLY A 38 1.38 4.49 -8.23
N GLY A 39 0.62 3.81 -7.37
CA GLY A 39 1.20 3.03 -6.29
C GLY A 39 1.25 3.84 -5.01
N ASN A 40 1.30 3.17 -3.89
CA ASN A 40 1.30 3.87 -2.65
C ASN A 40 1.75 2.95 -1.52
N THR A 41 2.37 3.57 -0.54
CA THR A 41 2.90 2.90 0.58
C THR A 41 2.44 3.59 1.87
N SER A 42 2.66 2.91 2.98
CA SER A 42 2.25 3.42 4.27
C SER A 42 2.99 2.74 5.41
N VAL A 43 3.07 3.45 6.52
CA VAL A 43 3.59 2.89 7.74
C VAL A 43 2.67 3.33 8.90
N LYS A 44 2.31 2.40 9.77
CA LYS A 44 1.56 2.70 10.99
C LYS A 44 2.53 3.04 12.14
N THR A 45 2.31 4.19 12.77
CA THR A 45 3.33 4.75 13.63
C THR A 45 2.70 5.41 14.84
N THR A 46 3.51 5.71 15.85
CA THR A 46 3.04 6.43 17.05
C THR A 46 3.53 7.84 17.04
N GLU A 47 2.59 8.78 17.24
CA GLU A 47 2.88 10.18 17.23
C GLU A 47 2.07 10.88 18.34
N ARG A 48 2.51 12.09 18.69
CA ARG A 48 1.74 12.96 19.59
C ARG A 48 0.93 13.87 18.72
N ASP A 49 -0.34 14.06 19.04
CA ASP A 49 -1.14 14.99 18.24
C ASP A 49 -1.05 16.36 18.85
N HIS A 50 -1.70 17.33 18.20
CA HIS A 50 -1.63 18.72 18.67
C HIS A 50 -2.06 18.86 20.11
N ALA A 51 -3.00 18.04 20.53
CA ALA A 51 -3.55 18.13 21.87
C ALA A 51 -2.68 17.38 22.88
N GLY A 52 -1.50 16.94 22.45
CA GLY A 52 -0.59 16.12 23.28
C GLY A 52 -1.00 14.68 23.49
N ARG A 53 -1.94 14.15 22.71
CA ARG A 53 -2.35 12.79 22.87
C ARG A 53 -1.38 11.91 22.04
N ILE A 54 -0.98 10.78 22.61
CA ILE A 54 -0.15 9.80 21.88
C ILE A 54 -1.13 8.93 21.13
N ILE A 55 -1.00 8.85 19.82
CA ILE A 55 -2.02 8.20 18.97
C ILE A 55 -1.39 7.38 17.87
N SER A 56 -2.20 6.47 17.31
CA SER A 56 -1.79 5.63 16.23
C SER A 56 -2.09 6.34 14.88
N VAL A 57 -1.07 6.53 14.07
CA VAL A 57 -1.17 7.36 12.87
C VAL A 57 -0.76 6.48 11.69
N LEU A 58 -1.56 6.52 10.62
CA LEU A 58 -1.20 5.98 9.35
C LEU A 58 -0.57 7.07 8.54
N ARG A 59 0.72 6.90 8.28
CA ARG A 59 1.46 7.82 7.42
C ARG A 59 1.43 7.20 6.03
N VAL A 60 0.66 7.82 5.16
CA VAL A 60 0.34 7.26 3.86
C VAL A 60 0.79 8.23 2.79
N LYS A 61 1.27 7.67 1.68
CA LYS A 61 1.70 8.44 0.54
C LYS A 61 0.69 9.48 0.11
N ASN A 62 1.13 10.69 -0.22
CA ASN A 62 0.23 11.77 -0.57
C ASN A 62 0.44 12.25 -1.99
N SER A 63 -0.34 13.24 -2.42
CA SER A 63 -0.33 13.69 -3.83
C SER A 63 0.82 14.62 -4.15
N GLY A 64 1.66 14.94 -3.18
CA GLY A 64 2.75 15.89 -3.39
C GLY A 64 4.01 15.34 -4.09
N SER A 65 4.10 14.02 -4.31
CA SER A 65 5.26 13.43 -4.99
C SER A 65 4.95 12.04 -5.52
N ASN A 66 5.74 11.61 -6.50
CA ASN A 66 5.71 10.22 -6.92
CA ASN A 66 5.77 10.22 -6.95
C ASN A 66 6.55 9.43 -5.89
N LEU A 67 6.37 8.12 -5.85
CA LEU A 67 7.04 7.24 -4.90
C LEU A 67 8.56 7.26 -5.04
N GLY A 68 9.00 7.39 -6.27
CA GLY A 68 10.43 7.23 -6.66
C GLY A 68 11.38 8.23 -5.99
N THR A 69 10.89 9.46 -5.79
CA THR A 69 11.67 10.58 -5.27
C THR A 69 11.03 11.14 -4.00
N ILE A 70 10.26 10.31 -3.31
CA ILE A 70 9.49 10.77 -2.18
C ILE A 70 10.44 11.11 -1.00
N ASP A 71 9.98 12.00 -0.14
CA ASP A 71 10.64 12.29 1.13
C ASP A 71 9.59 12.35 2.22
N SER A 72 9.98 12.77 3.42
CA SER A 72 9.07 12.64 4.57
C SER A 72 7.82 13.45 4.35
N ARG A 73 7.93 14.57 3.62
CA ARG A 73 6.79 15.44 3.29
CA ARG A 73 6.79 15.43 3.36
C ARG A 73 5.73 14.72 2.51
N GLY A 74 6.12 13.65 1.82
CA GLY A 74 5.17 12.91 1.02
C GLY A 74 4.29 11.97 1.77
N PHE A 75 4.34 11.96 3.11
CA PHE A 75 3.53 11.06 3.91
C PHE A 75 2.62 11.87 4.79
N THR A 76 1.34 11.71 4.56
CA THR A 76 0.29 12.51 5.25
C THR A 76 -0.20 11.63 6.38
N GLY A 77 -0.37 12.23 7.55
CA GLY A 77 -0.81 11.52 8.76
C GLY A 77 -2.32 11.41 8.85
N ILE A 78 -2.81 10.17 8.96
CA ILE A 78 -4.25 9.89 9.12
C ILE A 78 -4.45 9.20 10.44
N ARG A 79 -5.40 9.67 11.21
CA ARG A 79 -5.68 9.03 12.50
CA ARG A 79 -5.67 9.03 12.51
C ARG A 79 -6.21 7.63 12.26
N ASP A 81 -7.60 5.63 14.51
CA ASP A 81 -8.90 5.53 15.15
C ASP A 81 -10.01 5.91 14.17
N ASP A 82 -9.81 7.02 13.47
CA ASP A 82 -10.77 7.52 12.47
C ASP A 82 -10.88 6.54 11.27
N ALA A 83 -9.75 6.14 10.71
CA ALA A 83 -9.76 5.24 9.58
C ALA A 83 -10.40 3.90 9.92
N LEU A 84 -10.09 3.33 11.07
CA LEU A 84 -10.61 2.01 11.38
C LEU A 84 -12.11 2.09 11.66
N ALA A 85 -12.59 3.27 12.07
CA ALA A 85 -14.02 3.41 12.36
C ALA A 85 -14.81 3.35 11.08
N ALA A 86 -14.17 3.61 9.95
CA ALA A 86 -14.83 3.57 8.62
C ALA A 86 -15.22 2.17 8.22
N ALA A 87 -14.59 1.16 8.81
CA ALA A 87 -14.87 -0.25 8.48
C ALA A 87 -16.32 -0.62 8.73
N LYS A 88 -16.96 0.10 9.66
CA LYS A 88 -18.40 -0.02 9.95
C LYS A 88 -19.26 0.47 8.82
N ILE A 89 -18.73 1.33 7.97
CA ILE A 89 -19.56 1.96 6.96
C ILE A 89 -19.71 0.98 5.82
N ASP A 90 -20.91 0.95 5.27
CA ASP A 90 -21.25 -0.03 4.23
C ASP A 90 -20.67 0.38 2.89
N LYS A 91 -21.11 1.54 2.39
CA LYS A 91 -20.68 2.08 1.13
C LYS A 91 -20.18 3.50 1.37
N THR A 93 -19.06 6.72 -1.49
CA THR A 93 -18.61 7.23 -2.78
C THR A 93 -17.17 7.72 -2.68
N ASP A 94 -16.51 7.85 -3.82
CA ASP A 94 -15.14 8.40 -3.88
C ASP A 94 -15.04 9.76 -3.20
N GLU A 95 -15.97 10.65 -3.56
CA GLU A 95 -16.11 11.96 -2.98
C GLU A 95 -16.23 11.91 -1.45
N ALA A 96 -17.13 11.06 -0.95
CA ALA A 96 -17.31 10.90 0.49
C ALA A 96 -16.04 10.37 1.14
N VAL A 98 -13.01 10.89 0.08
CA VAL A 98 -12.03 11.96 0.15
C VAL A 98 -12.33 12.88 1.33
N ASP A 99 -13.60 13.25 1.48
CA ASP A 99 -14.01 14.09 2.59
CA ASP A 99 -13.99 14.12 2.58
C ASP A 99 -13.70 13.43 3.92
N TYR A 100 -13.98 12.14 4.03
CA TYR A 100 -13.71 11.40 5.30
C TYR A 100 -12.25 11.47 5.67
N LEU A 101 -11.42 11.20 4.69
CA LEU A 101 -9.99 11.22 4.91
C LEU A 101 -9.49 12.60 5.32
N LYS A 102 -10.00 13.67 4.71
CA LYS A 102 -9.65 15.01 5.05
C LYS A 102 -9.98 15.25 6.50
N LYS A 103 -11.13 14.76 6.96
CA LYS A 103 -11.56 15.03 8.35
C LYS A 103 -10.75 14.18 9.35
N SER A 104 -9.97 13.25 8.80
CA SER A 104 -9.16 12.29 9.58
C SER A 104 -7.67 12.64 9.60
N VAL A 106 -4.31 14.32 10.64
CA VAL A 106 -3.67 14.89 11.83
CA VAL A 106 -3.69 14.89 11.85
C VAL A 106 -3.26 16.34 11.61
N ASN A 107 -2.89 16.69 10.39
CA ASN A 107 -2.54 18.04 10.07
C ASN A 107 -3.15 18.41 8.74
N PRO A 108 -4.29 19.11 8.80
CA PRO A 108 -5.03 19.37 7.57
C PRO A 108 -4.27 20.20 6.53
N SER A 109 -3.12 20.78 6.88
CA SER A 109 -2.35 21.55 5.90
CA SER A 109 -2.34 21.56 5.93
C SER A 109 -1.40 20.67 5.10
N GLU A 110 -1.26 19.40 5.48
CA GLU A 110 -0.53 18.45 4.64
C GLU A 110 -1.19 18.20 3.30
N PRO A 111 -0.41 17.72 2.31
CA PRO A 111 -1.02 17.34 1.03
C PRO A 111 -2.05 16.21 1.18
N SER A 112 -3.07 16.22 0.33
CA SER A 112 -4.14 15.20 0.36
CA SER A 112 -4.13 15.20 0.35
C SER A 112 -3.56 13.77 0.34
N PRO A 113 -4.10 12.88 1.18
CA PRO A 113 -3.64 11.52 1.23
C PRO A 113 -4.13 10.74 -0.01
N SER A 114 -3.37 9.71 -0.37
CA SER A 114 -3.75 8.76 -1.42
C SER A 114 -5.23 8.42 -1.36
N VAL A 115 -5.90 8.46 -2.51
CA VAL A 115 -7.29 7.93 -2.64
C VAL A 115 -7.40 6.42 -2.28
N GLU A 116 -6.27 5.71 -2.18
CA GLU A 116 -6.26 4.30 -1.78
C GLU A 116 -5.92 4.08 -0.33
N THR A 117 -6.05 5.12 0.49
CA THR A 117 -5.63 5.03 1.88
C THR A 117 -6.28 3.91 2.65
N PHE A 118 -7.53 3.62 2.35
CA PHE A 118 -8.21 2.57 3.10
C PHE A 118 -7.66 1.16 2.83
N LEU A 119 -6.99 0.94 1.68
CA LEU A 119 -6.30 -0.38 1.50
C LEU A 119 -5.26 -0.58 2.59
N HIS A 120 -4.63 0.53 2.95
CA HIS A 120 -3.55 0.54 3.92
C HIS A 120 -4.06 0.42 5.37
N ALA A 121 -5.07 1.24 5.65
CA ALA A 121 -5.61 1.33 7.03
C ALA A 121 -6.19 0.01 7.46
N PHE A 122 -6.82 -0.69 6.53
CA PHE A 122 -7.58 -1.89 6.82
C PHE A 122 -6.75 -3.19 6.80
N LEU A 123 -5.45 -3.11 6.56
CA LEU A 123 -4.58 -4.28 6.68
C LEU A 123 -3.73 -4.13 7.93
N PRO A 124 -3.78 -5.13 8.84
CA PRO A 124 -3.22 -4.94 10.16
C PRO A 124 -1.76 -5.36 10.22
N TYR A 125 -0.96 -4.75 9.36
CA TYR A 125 0.48 -4.86 9.40
C TYR A 125 1.04 -3.45 9.41
N LYS A 126 2.17 -3.28 10.07
CA LYS A 126 2.78 -1.97 10.21
C LYS A 126 3.05 -1.32 8.84
N PHE A 127 3.66 -2.06 7.93
CA PHE A 127 4.00 -1.54 6.60
C PHE A 127 3.12 -2.22 5.55
N VAL A 128 2.64 -1.43 4.59
CA VAL A 128 1.85 -1.92 3.48
C VAL A 128 2.38 -1.24 2.22
N HIS A 130 1.60 -1.02 -2.08
CA HIS A 130 0.64 -1.21 -3.16
C HIS A 130 1.28 -0.73 -4.46
N SER A 131 1.33 -1.60 -5.48
CA SER A 131 1.75 -1.20 -6.82
C SER A 131 0.73 -1.64 -7.90
N HIS A 132 0.89 -1.06 -9.08
CA HIS A 132 0.14 -1.48 -10.23
C HIS A 132 1.12 -2.19 -11.18
N ALA A 133 1.88 -3.14 -10.62
CA ALA A 133 2.99 -3.79 -11.34
C ALA A 133 2.52 -4.34 -12.67
N ASP A 134 3.19 -3.95 -13.76
CA ASP A 134 2.85 -4.42 -15.10
C ASP A 134 2.68 -5.96 -15.24
N ALA A 135 3.63 -6.74 -14.76
CA ALA A 135 3.54 -8.20 -14.82
C ALA A 135 2.33 -8.76 -14.03
N ILE A 136 1.90 -8.05 -13.00
CA ILE A 136 0.71 -8.49 -12.26
C ILE A 136 -0.55 -8.21 -13.08
N LEU A 137 -0.57 -7.08 -13.77
CA LEU A 137 -1.67 -6.72 -14.64
C LEU A 137 -1.78 -7.73 -15.78
N SER A 138 -0.64 -8.12 -16.36
CA SER A 138 -0.62 -9.11 -17.44
C SER A 138 -1.14 -10.47 -17.02
N ILE A 139 -0.63 -11.00 -15.91
CA ILE A 139 -1.02 -12.33 -15.48
C ILE A 139 -2.48 -12.36 -15.08
N THR A 140 -2.97 -11.29 -14.47
CA THR A 140 -4.35 -11.24 -14.02
C THR A 140 -5.31 -10.91 -15.17
N ASN A 141 -4.77 -10.42 -16.29
CA ASN A 141 -5.58 -10.16 -17.47
C ASN A 141 -5.69 -11.35 -18.44
N THR A 142 -5.05 -12.48 -18.11
CA THR A 142 -5.21 -13.74 -18.83
C THR A 142 -6.46 -14.45 -18.31
N ASP A 143 -6.85 -15.54 -18.95
CA ASP A 143 -8.02 -16.31 -18.50
C ASP A 143 -7.65 -17.34 -17.45
N LEU A 144 -6.47 -17.22 -16.86
CA LEU A 144 -6.06 -18.19 -15.86
C LEU A 144 -7.00 -18.11 -14.68
N PRO A 145 -7.49 -19.26 -14.19
CA PRO A 145 -8.28 -19.19 -12.94
C PRO A 145 -7.46 -18.62 -11.76
N SER A 146 -8.14 -17.99 -10.82
CA SER A 146 -7.46 -17.29 -9.74
C SER A 146 -6.60 -18.26 -8.91
N ASP A 147 -7.11 -19.49 -8.72
CA ASP A 147 -6.41 -20.47 -7.95
C ASP A 147 -5.11 -20.91 -8.61
N GLN A 148 -5.09 -20.97 -9.94
CA GLN A 148 -3.82 -21.29 -10.58
C GLN A 148 -2.89 -20.06 -10.52
N ILE A 149 -3.44 -18.87 -10.63
CA ILE A 149 -2.62 -17.67 -10.37
C ILE A 149 -1.93 -17.69 -8.98
N ALA A 150 -2.69 -18.07 -7.93
CA ALA A 150 -2.15 -18.21 -6.58
C ALA A 150 -1.04 -19.28 -6.52
N LYS A 151 -1.20 -20.41 -7.22
CA LYS A 151 -0.17 -21.44 -7.18
C LYS A 151 1.12 -20.92 -7.86
N ILE A 152 0.97 -20.03 -8.84
CA ILE A 152 2.12 -19.49 -9.56
C ILE A 152 2.87 -18.49 -8.66
N LEU A 153 2.11 -17.66 -7.97
CA LEU A 153 2.63 -16.51 -7.28
C LEU A 153 3.04 -16.77 -5.83
N GLY A 154 2.50 -17.81 -5.20
CA GLY A 154 2.91 -18.18 -3.85
C GLY A 154 1.83 -18.10 -2.81
N ASN A 155 2.19 -17.70 -1.57
CA ASN A 155 1.20 -17.70 -0.50
C ASN A 155 0.43 -16.40 -0.56
N VAL A 156 -0.51 -16.35 -1.50
CA VAL A 156 -1.27 -15.14 -1.75
C VAL A 156 -2.75 -15.44 -1.79
N VAL A 157 -3.56 -14.40 -1.64
CA VAL A 157 -4.97 -14.48 -1.86
C VAL A 157 -5.17 -13.63 -3.09
N VAL A 158 -6.03 -14.10 -3.97
CA VAL A 158 -6.32 -13.41 -5.23
C VAL A 158 -7.75 -12.90 -5.17
N LEU A 159 -7.96 -11.64 -5.53
CA LEU A 159 -9.29 -11.05 -5.60
C LEU A 159 -9.66 -10.74 -7.04
N PRO A 160 -10.95 -10.87 -7.39
CA PRO A 160 -11.36 -10.53 -8.75
C PRO A 160 -11.27 -9.05 -8.95
N TYR A 161 -11.49 -8.58 -10.17
CA TYR A 161 -11.51 -7.14 -10.43
C TYR A 161 -12.61 -6.51 -9.58
N ILE A 162 -12.25 -5.43 -8.88
CA ILE A 162 -13.20 -4.52 -8.22
C ILE A 162 -12.63 -3.13 -8.47
N PRO A 163 -13.49 -2.18 -8.88
CA PRO A 163 -13.04 -0.82 -9.12
C PRO A 163 -12.34 -0.23 -7.90
N PRO A 164 -11.28 0.54 -8.09
CA PRO A 164 -10.61 1.16 -6.95
C PRO A 164 -11.57 2.03 -6.17
N GLY A 165 -11.58 1.87 -4.85
CA GLY A 165 -12.45 2.63 -3.97
C GLY A 165 -12.74 1.89 -2.68
N PHE A 166 -13.81 2.30 -2.05
CA PHE A 166 -14.13 1.85 -0.70
C PHE A 166 -14.56 0.39 -0.62
N THR A 167 -15.40 -0.06 -1.54
CA THR A 167 -15.73 -1.50 -1.60
C THR A 167 -14.50 -2.39 -1.76
N LEU A 168 -13.54 -1.96 -2.57
CA LEU A 168 -12.34 -2.73 -2.75
C LEU A 168 -11.66 -2.87 -1.40
N ALA A 169 -11.53 -1.76 -0.65
CA ALA A 169 -10.86 -1.78 0.62
C ALA A 169 -11.53 -2.69 1.61
N LYS A 170 -12.85 -2.69 1.65
CA LYS A 170 -13.62 -3.62 2.49
C LYS A 170 -13.41 -5.12 2.16
N GLU A 171 -13.33 -5.42 0.89
CA GLU A 171 -13.03 -6.81 0.44
C GLU A 171 -11.62 -7.21 0.79
N VAL A 172 -10.69 -6.27 0.62
CA VAL A 172 -9.32 -6.50 1.00
C VAL A 172 -9.27 -6.80 2.49
N ASN A 174 -11.56 -7.95 4.42
CA ASN A 174 -12.20 -9.22 4.76
C ASN A 174 -11.47 -10.47 4.22
N CYS A 175 -10.66 -10.35 3.17
CA CYS A 175 -9.98 -11.52 2.63
CA CYS A 175 -9.96 -11.50 2.59
C CYS A 175 -8.62 -11.71 3.26
N PHE A 176 -8.12 -10.68 3.94
CA PHE A 176 -6.84 -10.82 4.60
C PHE A 176 -6.89 -12.02 5.56
N LYS A 177 -5.88 -12.89 5.51
CA LYS A 177 -5.73 -13.98 6.50
C LYS A 177 -4.29 -13.98 7.07
N LYS A 178 -4.17 -14.27 8.37
CA LYS A 178 -2.87 -14.47 9.02
C LYS A 178 -1.94 -15.35 8.15
N GLY A 179 -0.67 -14.99 8.09
CA GLY A 179 0.34 -15.78 7.41
C GLY A 179 0.56 -15.65 5.93
N ILE A 180 -0.29 -14.92 5.21
CA ILE A 180 -0.12 -14.75 3.74
C ILE A 180 0.95 -13.70 3.43
N ASP A 181 1.51 -13.75 2.23
CA ASP A 181 2.57 -12.81 1.83
C ASP A 181 2.03 -11.66 0.96
N GLY A 182 0.81 -11.80 0.46
CA GLY A 182 0.34 -10.81 -0.50
C GLY A 182 -1.11 -11.02 -0.85
N ILE A 183 -1.74 -9.94 -1.34
CA ILE A 183 -3.09 -9.97 -1.90
C ILE A 183 -3.00 -9.41 -3.32
N VAL A 184 -3.44 -10.23 -4.28
CA VAL A 184 -3.35 -9.93 -5.71
C VAL A 184 -4.70 -9.39 -6.15
N LEU A 185 -4.71 -8.24 -6.79
CA LEU A 185 -5.96 -7.58 -7.19
C LEU A 185 -6.03 -7.64 -8.71
N ARG A 186 -6.84 -8.54 -9.26
CA ARG A 186 -6.86 -8.72 -10.69
C ARG A 186 -7.22 -7.43 -11.40
N LYS A 187 -6.48 -7.15 -12.47
CA LYS A 187 -6.63 -5.96 -13.30
C LYS A 187 -6.40 -4.65 -12.58
N HIS A 188 -5.64 -4.70 -11.47
CA HIS A 188 -5.32 -3.55 -10.64
C HIS A 188 -3.86 -3.61 -10.19
N GLY A 189 -3.50 -4.59 -9.37
CA GLY A 189 -2.13 -4.67 -8.91
C GLY A 189 -1.96 -5.61 -7.75
N LEU A 190 -1.09 -5.21 -6.82
CA LEU A 190 -0.67 -6.06 -5.74
C LEU A 190 -0.60 -5.31 -4.44
N LEU A 191 -0.96 -5.99 -3.35
CA LEU A 191 -0.67 -5.55 -2.03
C LEU A 191 0.23 -6.54 -1.31
N THR A 192 1.30 -6.01 -0.74
CA THR A 192 2.10 -6.73 0.25
C THR A 192 2.26 -5.94 1.53
N PHE A 193 2.75 -6.61 2.57
CA PHE A 193 2.75 -6.05 3.89
C PHE A 193 3.68 -6.84 4.82
N GLY A 194 3.98 -6.25 5.97
CA GLY A 194 4.82 -6.94 6.95
C GLY A 194 5.13 -6.05 8.12
N ASP A 195 5.89 -6.58 9.05
CA ASP A 195 6.22 -5.91 10.30
C ASP A 195 7.27 -4.83 10.09
N THR A 196 8.04 -4.98 9.01
CA THR A 196 9.12 -4.08 8.68
C THR A 196 9.00 -3.77 7.20
N GLY A 197 9.71 -2.72 6.81
CA GLY A 197 9.68 -2.32 5.41
C GLY A 197 10.25 -3.43 4.54
N LYS A 198 11.38 -4.01 4.95
CA LYS A 198 12.03 -5.04 4.16
C LYS A 198 11.09 -6.21 3.90
N GLU A 199 10.38 -6.66 4.93
CA GLU A 199 9.44 -7.78 4.81
C GLU A 199 8.40 -7.51 3.73
N ALA A 200 7.77 -6.34 3.78
CA ALA A 200 6.77 -5.97 2.79
C ALA A 200 7.39 -5.89 1.38
N TYR A 201 8.57 -5.30 1.31
CA TYR A 201 9.31 -5.16 0.05
C TYR A 201 9.70 -6.50 -0.52
N ASP A 202 10.37 -7.32 0.28
CA ASP A 202 10.83 -8.61 -0.25
C ASP A 202 9.63 -9.42 -0.79
N ARG A 203 8.50 -9.36 -0.08
CA ARG A 203 7.31 -10.07 -0.52
C ARG A 203 6.82 -9.51 -1.83
N HIS A 204 6.92 -8.20 -2.01
CA HIS A 204 6.49 -7.59 -3.26
C HIS A 204 7.32 -8.09 -4.46
N ILE A 205 8.64 -8.07 -4.29
CA ILE A 205 9.55 -8.47 -5.37
C ILE A 205 9.35 -9.93 -5.73
N ASN A 206 9.34 -10.79 -4.71
CA ASN A 206 9.18 -12.24 -4.89
C ASN A 206 7.94 -12.55 -5.71
N ILE A 207 6.82 -11.90 -5.39
CA ILE A 207 5.57 -12.15 -6.11
C ILE A 207 5.57 -11.61 -7.53
N VAL A 208 6.06 -10.39 -7.72
CA VAL A 208 6.01 -9.82 -9.06
C VAL A 208 6.98 -10.58 -9.97
N SER A 209 8.15 -10.93 -9.43
CA SER A 209 9.19 -11.57 -10.22
C SER A 209 8.72 -12.97 -10.64
N ARG A 210 7.94 -13.62 -9.79
CA ARG A 210 7.26 -14.86 -10.15
C ARG A 210 6.24 -14.68 -11.26
N ALA A 211 5.49 -13.59 -11.23
CA ALA A 211 4.58 -13.23 -12.29
C ALA A 211 5.35 -13.01 -13.59
N GLU A 212 6.41 -12.24 -13.51
CA GLU A 212 7.22 -11.90 -14.69
C GLU A 212 7.87 -13.16 -15.27
N ASN A 213 8.56 -13.94 -14.42
CA ASN A 213 9.09 -15.26 -14.79
C ASN A 213 8.12 -16.07 -15.62
N PHE A 214 6.87 -16.11 -15.17
CA PHE A 214 5.82 -16.91 -15.79
C PHE A 214 5.36 -16.39 -17.15
N ILE A 215 5.21 -15.10 -17.30
CA ILE A 215 4.88 -14.54 -18.62
C ILE A 215 6.12 -14.31 -19.57
N ARG A 216 7.35 -14.52 -19.06
CA ARG A 216 8.61 -14.20 -19.79
C ARG A 216 8.76 -14.95 -21.11
#